data_3G9W
#
_entry.id   3G9W
#
_cell.length_a   53.260
_cell.length_b   108.720
_cell.length_c   131.850
_cell.angle_alpha   90.00
_cell.angle_beta   90.00
_cell.angle_gamma   90.00
#
_symmetry.space_group_name_H-M   'P 21 21 21'
#
loop_
_entity.id
_entity.type
_entity.pdbx_description
1 polymer Talin-2
2 polymer 'Integrin beta-1D'
3 non-polymer GLYCEROL
4 non-polymer DI(HYDROXYETHYL)ETHER
5 water water
#
loop_
_entity_poly.entity_id
_entity_poly.type
_entity_poly.pdbx_seq_one_letter_code
_entity_poly.pdbx_strand_id
1 'polypeptide(L)'
;GIDPFTGIDPFTKFFYSDQNVDSRDPVQLNLLYVQARDDILNGSHPVSFEKACEFGGFQAQIQFGPHVEHKHKPGFLDLK
EFLPKEYIKQRGAEKRIFQEHKNCGEMSEIEAKVKYVKLARSLRTYGVSFFLVKEKMKGKNKLVPRLLGITKDSVMRVDE
KTKEVLQEWPLTTVKRWAASPKSFTLDFGEYQESYYSVQTTEGEQISQLIAGYIDIILKKKQS
;
A,B
2 'polypeptide(L)' GPKLLMIIHDRREFAKFEKEKMNAKWDTQENPIYKSPINNFKNPNYGRKAGL C,D
#
loop_
_chem_comp.id
_chem_comp.type
_chem_comp.name
_chem_comp.formula
GOL non-polymer GLYCEROL 'C3 H8 O3'
PEG non-polymer DI(HYDROXYETHYL)ETHER 'C4 H10 O3'
#
# COMPACT_ATOMS: atom_id res chain seq x y z
N GLY A 7 13.54 -29.20 9.11
CA GLY A 7 14.74 -28.63 8.51
C GLY A 7 14.54 -27.20 8.03
N ILE A 8 13.28 -26.76 8.02
CA ILE A 8 12.84 -25.35 7.86
C ILE A 8 11.47 -25.19 7.22
N ASP A 9 10.87 -24.03 7.43
CA ASP A 9 9.48 -23.78 7.06
C ASP A 9 9.34 -22.49 6.26
N PRO A 10 9.09 -22.61 4.95
CA PRO A 10 8.94 -21.45 4.07
C PRO A 10 7.75 -20.58 4.47
N PHE A 11 6.77 -21.19 5.14
CA PHE A 11 5.49 -20.52 5.39
C PHE A 11 5.48 -19.59 6.60
N THR A 12 6.64 -19.46 7.25
CA THR A 12 6.77 -18.50 8.33
C THR A 12 6.99 -17.08 7.79
N LYS A 13 7.16 -16.96 6.47
CA LYS A 13 7.52 -15.68 5.87
C LYS A 13 6.35 -14.85 5.34
N PHE A 14 6.58 -13.55 5.23
CA PHE A 14 5.61 -12.63 4.63
C PHE A 14 5.23 -13.12 3.25
N PHE A 15 3.94 -13.06 2.94
CA PHE A 15 3.48 -13.45 1.62
C PHE A 15 2.66 -12.38 0.90
N TYR A 16 2.96 -12.19 -0.38
CA TYR A 16 2.19 -11.30 -1.24
C TYR A 16 2.57 -11.55 -2.69
N SER A 17 1.56 -11.69 -3.53
CA SER A 17 1.79 -11.88 -4.95
C SER A 17 0.67 -11.26 -5.76
N ASP A 18 1.03 -10.39 -6.70
CA ASP A 18 0.09 -9.94 -7.72
C ASP A 18 0.78 -10.01 -9.08
N GLN A 19 0.15 -9.43 -10.10
CA GLN A 19 0.67 -9.58 -11.45
C GLN A 19 1.99 -8.82 -11.68
N ASN A 20 2.31 -7.91 -10.78
CA ASN A 20 3.53 -7.10 -10.90
C ASN A 20 4.71 -7.63 -10.10
N VAL A 21 4.44 -8.15 -8.91
CA VAL A 21 5.51 -8.49 -7.96
C VAL A 21 5.12 -9.67 -7.07
N ASP A 22 6.13 -10.38 -6.56
CA ASP A 22 5.90 -11.62 -5.81
C ASP A 22 6.98 -11.87 -4.77
N SER A 23 6.56 -11.98 -3.51
CA SER A 23 7.46 -12.22 -2.40
C SER A 23 8.23 -13.54 -2.48
N ARG A 24 7.77 -14.47 -3.32
CA ARG A 24 8.37 -15.80 -3.37
C ARG A 24 9.54 -15.88 -4.34
N ASP A 25 9.84 -14.76 -5.00
CA ASP A 25 10.94 -14.71 -5.95
C ASP A 25 11.88 -13.56 -5.60
N PRO A 26 12.75 -13.77 -4.59
CA PRO A 26 13.65 -12.77 -4.01
C PRO A 26 14.56 -12.09 -5.03
N VAL A 27 15.09 -12.84 -5.98
CA VAL A 27 16.04 -12.29 -6.94
C VAL A 27 15.36 -11.36 -7.91
N GLN A 28 14.21 -11.78 -8.45
CA GLN A 28 13.43 -10.93 -9.31
C GLN A 28 12.94 -9.68 -8.57
N LEU A 29 12.57 -9.86 -7.31
CA LEU A 29 12.08 -8.75 -6.50
C LEU A 29 13.14 -7.66 -6.34
N ASN A 30 14.38 -8.07 -6.07
CA ASN A 30 15.45 -7.10 -5.88
C ASN A 30 15.70 -6.27 -7.12
N LEU A 31 15.58 -6.90 -8.29
CA LEU A 31 15.75 -6.18 -9.53
C LEU A 31 14.64 -5.14 -9.68
N LEU A 32 13.42 -5.55 -9.35
CA LEU A 32 12.28 -4.65 -9.44
C LEU A 32 12.47 -3.49 -8.48
N TYR A 33 12.91 -3.80 -7.27
CA TYR A 33 13.14 -2.77 -6.25
C TYR A 33 14.19 -1.78 -6.72
N VAL A 34 15.34 -2.29 -7.16
CA VAL A 34 16.42 -1.41 -7.59
C VAL A 34 15.97 -0.45 -8.69
N GLN A 35 15.21 -0.97 -9.66
CA GLN A 35 14.78 -0.14 -10.78
C GLN A 35 13.85 0.96 -10.30
N ALA A 36 12.87 0.58 -9.47
CA ALA A 36 11.88 1.53 -8.99
C ALA A 36 12.46 2.61 -8.09
N ARG A 37 13.36 2.20 -7.18
CA ARG A 37 14.01 3.09 -6.26
C ARG A 37 14.89 4.11 -7.01
N ASP A 38 15.73 3.62 -7.90
CA ASP A 38 16.57 4.49 -8.72
C ASP A 38 15.77 5.55 -9.50
N ASP A 39 14.69 5.13 -10.15
CA ASP A 39 13.84 6.03 -10.90
C ASP A 39 13.29 7.15 -9.99
N ILE A 40 12.96 6.79 -8.75
CA ILE A 40 12.41 7.77 -7.82
C ILE A 40 13.51 8.69 -7.28
N LEU A 41 14.62 8.10 -6.86
CA LEU A 41 15.72 8.87 -6.31
C LEU A 41 16.32 9.84 -7.35
N ASN A 42 16.34 9.44 -8.61
CA ASN A 42 16.94 10.31 -9.62
C ASN A 42 15.94 11.16 -10.42
N GLY A 43 14.66 11.04 -10.08
CA GLY A 43 13.64 11.90 -10.65
C GLY A 43 12.96 11.43 -11.94
N SER A 44 13.39 10.28 -12.46
CA SER A 44 12.74 9.69 -13.63
C SER A 44 11.28 9.36 -13.33
N HIS A 45 11.01 8.97 -12.08
CA HIS A 45 9.64 8.84 -11.59
C HIS A 45 9.34 9.92 -10.55
N PRO A 46 8.77 11.04 -10.99
CA PRO A 46 8.50 12.18 -10.11
C PRO A 46 7.41 11.83 -9.09
N VAL A 47 7.63 12.19 -7.83
CA VAL A 47 6.65 11.91 -6.78
C VAL A 47 6.50 13.11 -5.87
N SER A 48 5.40 13.16 -5.14
CA SER A 48 5.15 14.22 -4.17
C SER A 48 6.08 14.08 -2.98
N PHE A 49 6.19 15.13 -2.19
CA PHE A 49 7.03 15.14 -0.99
C PHE A 49 6.58 14.02 -0.05
N GLU A 50 5.27 13.93 0.13
CA GLU A 50 4.70 12.96 1.04
CA GLU A 50 4.69 12.95 1.04
C GLU A 50 5.07 11.53 0.63
N LYS A 51 4.99 11.24 -0.66
CA LYS A 51 5.32 9.90 -1.14
C LYS A 51 6.83 9.63 -1.07
N ALA A 52 7.65 10.62 -1.38
CA ALA A 52 9.11 10.49 -1.29
C ALA A 52 9.53 10.01 0.10
N CYS A 53 8.92 10.58 1.13
CA CYS A 53 9.26 10.22 2.50
C CYS A 53 8.77 8.82 2.85
N GLU A 54 7.64 8.41 2.27
CA GLU A 54 7.13 7.06 2.45
C GLU A 54 8.10 6.06 1.84
N PHE A 55 8.53 6.34 0.61
CA PHE A 55 9.54 5.51 -0.04
C PHE A 55 10.81 5.48 0.80
N GLY A 56 11.27 6.67 1.22
CA GLY A 56 12.45 6.79 2.06
C GLY A 56 12.39 5.90 3.29
N GLY A 57 11.21 5.84 3.89
CA GLY A 57 10.99 5.06 5.09
C GLY A 57 11.15 3.56 4.83
N PHE A 58 10.64 3.10 3.70
CA PHE A 58 10.83 1.69 3.31
C PHE A 58 12.32 1.48 3.01
N GLN A 59 12.92 2.47 2.36
CA GLN A 59 14.34 2.37 2.03
C GLN A 59 15.18 2.21 3.28
N ALA A 60 14.85 2.98 4.31
CA ALA A 60 15.58 2.91 5.56
C ALA A 60 15.44 1.52 6.18
N GLN A 61 14.22 0.98 6.17
CA GLN A 61 13.97 -0.35 6.73
C GLN A 61 14.83 -1.37 6.00
N ILE A 62 14.92 -1.22 4.69
CA ILE A 62 15.69 -2.12 3.84
C ILE A 62 17.20 -2.05 4.11
N GLN A 63 17.72 -0.84 4.29
CA GLN A 63 19.16 -0.65 4.47
C GLN A 63 19.65 -0.76 5.92
N PHE A 64 18.78 -0.47 6.88
CA PHE A 64 19.19 -0.41 8.29
C PHE A 64 18.50 -1.44 9.17
N GLY A 65 17.42 -2.03 8.66
CA GLY A 65 16.59 -2.89 9.49
C GLY A 65 15.62 -2.06 10.30
N PRO A 66 14.96 -2.68 11.28
CA PRO A 66 13.94 -2.01 12.10
C PRO A 66 14.44 -0.72 12.73
N HIS A 67 13.54 0.24 12.88
CA HIS A 67 13.89 1.55 13.39
C HIS A 67 14.34 1.50 14.86
N VAL A 68 15.50 2.09 15.15
CA VAL A 68 16.03 2.17 16.51
C VAL A 68 16.05 3.63 16.90
N GLU A 69 15.06 4.05 17.69
CA GLU A 69 14.81 5.47 17.93
C GLU A 69 15.99 6.28 18.47
N HIS A 70 16.87 5.66 19.25
CA HIS A 70 17.98 6.42 19.83
C HIS A 70 19.22 6.42 18.93
N LYS A 71 19.09 5.83 17.76
CA LYS A 71 20.17 5.75 16.78
C LYS A 71 19.76 6.43 15.48
N HIS A 72 18.54 6.14 15.03
CA HIS A 72 18.05 6.70 13.78
C HIS A 72 17.26 7.99 14.04
N LYS A 73 17.99 9.10 14.15
CA LYS A 73 17.39 10.40 14.44
C LYS A 73 17.98 11.47 13.52
N PRO A 74 17.31 12.63 13.40
CA PRO A 74 17.76 13.68 12.48
C PRO A 74 19.26 13.87 12.56
N GLY A 75 19.93 13.83 11.40
CA GLY A 75 21.37 13.93 11.34
C GLY A 75 22.03 12.62 10.95
N PHE A 76 21.33 11.51 11.14
CA PHE A 76 21.88 10.19 10.87
C PHE A 76 21.96 9.88 9.38
N LEU A 77 21.01 10.41 8.61
CA LEU A 77 20.89 10.06 7.19
C LEU A 77 21.65 11.01 6.29
N ASP A 78 22.24 10.45 5.24
CA ASP A 78 22.69 11.25 4.11
C ASP A 78 21.45 11.45 3.25
N LEU A 79 20.71 12.52 3.48
CA LEU A 79 19.41 12.73 2.83
C LEU A 79 19.41 12.55 1.31
N LYS A 80 20.47 12.96 0.63
CA LYS A 80 20.47 12.87 -0.82
C LYS A 80 20.43 11.42 -1.30
N GLU A 81 20.74 10.49 -0.40
CA GLU A 81 20.70 9.06 -0.69
C GLU A 81 19.28 8.52 -0.60
N PHE A 82 18.40 9.29 0.02
CA PHE A 82 17.06 8.82 0.35
C PHE A 82 15.90 9.61 -0.26
N LEU A 83 16.20 10.73 -0.92
CA LEU A 83 15.17 11.58 -1.49
C LEU A 83 15.52 12.08 -2.89
N PRO A 84 14.48 12.32 -3.71
CA PRO A 84 14.64 13.10 -4.95
C PRO A 84 15.25 14.46 -4.59
N LYS A 85 16.15 14.98 -5.42
CA LYS A 85 16.91 16.19 -5.07
C LYS A 85 16.01 17.35 -4.65
N GLU A 86 14.86 17.46 -5.30
CA GLU A 86 13.83 18.47 -5.01
C GLU A 86 13.46 18.61 -3.52
N TYR A 87 13.66 17.56 -2.73
CA TYR A 87 13.15 17.56 -1.35
C TYR A 87 14.24 17.47 -0.28
N ILE A 88 15.50 17.45 -0.70
CA ILE A 88 16.60 17.32 0.23
C ILE A 88 16.61 18.41 1.31
N LYS A 89 16.35 19.65 0.89
CA LYS A 89 16.42 20.79 1.80
C LYS A 89 15.07 21.22 2.38
N GLN A 90 14.02 20.43 2.14
CA GLN A 90 12.70 20.78 2.65
C GLN A 90 12.54 20.47 4.15
N ARG A 91 11.91 21.41 4.85
CA ARG A 91 11.77 21.35 6.30
CA ARG A 91 11.76 21.35 6.30
C ARG A 91 11.16 20.02 6.79
N GLY A 92 11.81 19.42 7.78
CA GLY A 92 11.31 18.21 8.41
C GLY A 92 11.35 16.93 7.59
N ALA A 93 12.03 16.96 6.45
CA ALA A 93 12.15 15.78 5.59
C ALA A 93 12.55 14.53 6.38
N GLU A 94 13.65 14.65 7.11
CA GLU A 94 14.20 13.53 7.85
C GLU A 94 13.22 13.01 8.90
N LYS A 95 12.56 13.92 9.60
CA LYS A 95 11.59 13.53 10.62
C LYS A 95 10.46 12.73 10.00
N ARG A 96 10.02 13.14 8.82
CA ARG A 96 8.99 12.41 8.10
C ARG A 96 9.49 11.03 7.70
N ILE A 97 10.70 10.97 7.15
CA ILE A 97 11.26 9.67 6.75
C ILE A 97 11.30 8.69 7.93
N PHE A 98 11.77 9.18 9.08
CA PHE A 98 11.87 8.33 10.27
C PHE A 98 10.51 7.89 10.85
N GLN A 99 9.48 8.72 10.70
CA GLN A 99 8.14 8.32 11.10
CA GLN A 99 8.15 8.29 11.11
C GLN A 99 7.68 7.14 10.23
N GLU A 100 7.92 7.23 8.93
CA GLU A 100 7.57 6.14 8.03
C GLU A 100 8.43 4.91 8.31
N HIS A 101 9.70 5.14 8.65
CA HIS A 101 10.60 4.06 9.02
C HIS A 101 10.05 3.34 10.25
N LYS A 102 9.65 4.11 11.26
CA LYS A 102 9.05 3.56 12.47
C LYS A 102 7.78 2.76 12.17
N ASN A 103 6.97 3.26 11.25
CA ASN A 103 5.75 2.56 10.85
C ASN A 103 6.01 1.16 10.30
N CYS A 104 7.24 0.90 9.85
CA CYS A 104 7.55 -0.40 9.27
C CYS A 104 7.68 -1.52 10.31
N GLY A 105 7.85 -1.13 11.57
CA GLY A 105 8.00 -2.09 12.65
C GLY A 105 9.14 -3.06 12.41
N GLU A 106 8.85 -4.36 12.50
CA GLU A 106 9.85 -5.41 12.33
C GLU A 106 9.75 -6.13 10.99
N MET A 107 9.14 -5.49 10.00
CA MET A 107 9.00 -6.15 8.70
C MET A 107 10.37 -6.50 8.13
N SER A 108 10.44 -7.61 7.40
CA SER A 108 11.69 -8.07 6.83
C SER A 108 12.10 -7.18 5.66
N GLU A 109 13.33 -7.39 5.22
CA GLU A 109 13.87 -6.71 4.05
C GLU A 109 13.00 -6.99 2.83
N ILE A 110 12.60 -8.25 2.68
CA ILE A 110 11.79 -8.65 1.54
C ILE A 110 10.40 -8.02 1.57
N GLU A 111 9.79 -7.97 2.76
CA GLU A 111 8.48 -7.32 2.90
C GLU A 111 8.57 -5.84 2.53
N ALA A 112 9.58 -5.17 3.05
CA ALA A 112 9.79 -3.76 2.73
C ALA A 112 9.97 -3.53 1.22
N LYS A 113 10.73 -4.39 0.56
CA LYS A 113 10.95 -4.26 -0.89
C LYS A 113 9.67 -4.50 -1.68
N VAL A 114 8.88 -5.49 -1.28
CA VAL A 114 7.60 -5.73 -1.91
C VAL A 114 6.72 -4.48 -1.80
N LYS A 115 6.64 -3.92 -0.60
CA LYS A 115 5.76 -2.79 -0.35
C LYS A 115 6.25 -1.50 -1.06
N TYR A 116 7.56 -1.38 -1.22
CA TYR A 116 8.13 -0.26 -1.96
C TYR A 116 7.68 -0.36 -3.42
N VAL A 117 7.89 -1.52 -4.04
CA VAL A 117 7.47 -1.74 -5.42
C VAL A 117 5.98 -1.57 -5.61
N LYS A 118 5.19 -2.04 -4.64
CA LYS A 118 3.73 -1.88 -4.71
C LYS A 118 3.32 -0.41 -4.70
N LEU A 119 3.97 0.37 -3.83
CA LEU A 119 3.62 1.78 -3.71
C LEU A 119 3.94 2.49 -5.02
N ALA A 120 5.09 2.17 -5.60
CA ALA A 120 5.53 2.78 -6.85
C ALA A 120 4.53 2.52 -7.97
N ARG A 121 4.16 1.25 -8.13
CA ARG A 121 3.18 0.86 -9.14
C ARG A 121 1.78 1.44 -8.91
N SER A 122 1.48 1.82 -7.67
CA SER A 122 0.15 2.34 -7.35
C SER A 122 -0.08 3.77 -7.85
N LEU A 123 0.99 4.48 -8.16
CA LEU A 123 0.88 5.87 -8.63
C LEU A 123 0.57 5.96 -10.13
N ARG A 124 -0.26 6.93 -10.50
CA ARG A 124 -0.60 7.15 -11.91
C ARG A 124 0.64 7.51 -12.74
N THR A 125 1.65 8.04 -12.07
CA THR A 125 2.89 8.45 -12.71
C THR A 125 3.82 7.29 -13.01
N TYR A 126 3.51 6.11 -12.50
CA TYR A 126 4.37 4.97 -12.74
C TYR A 126 4.46 4.68 -14.23
N GLY A 127 5.67 4.43 -14.71
CA GLY A 127 5.89 4.03 -16.08
C GLY A 127 5.71 5.13 -17.10
N VAL A 128 5.66 6.37 -16.63
CA VAL A 128 5.48 7.52 -17.52
C VAL A 128 6.80 8.24 -17.79
N SER A 129 7.07 8.58 -19.05
CA SER A 129 8.25 9.35 -19.39
C SER A 129 7.94 10.84 -19.36
N PHE A 130 8.53 11.55 -18.41
CA PHE A 130 8.20 12.97 -18.23
C PHE A 130 9.24 13.90 -18.82
N PHE A 131 8.75 15.03 -19.34
CA PHE A 131 9.59 16.10 -19.85
C PHE A 131 9.23 17.39 -19.13
N LEU A 132 10.23 18.14 -18.73
CA LEU A 132 10.01 19.45 -18.12
C LEU A 132 9.84 20.51 -19.21
N VAL A 133 8.67 21.13 -19.28
CA VAL A 133 8.40 22.09 -20.34
C VAL A 133 7.83 23.36 -19.76
N LYS A 134 7.53 24.33 -20.62
CA LYS A 134 6.81 25.53 -20.20
C LYS A 134 5.53 25.69 -20.99
N GLU A 135 4.44 26.03 -20.30
CA GLU A 135 3.16 26.29 -20.96
C GLU A 135 2.68 27.70 -20.60
N LYS A 136 1.67 28.17 -21.32
CA LYS A 136 1.06 29.46 -20.99
C LYS A 136 0.38 29.39 -19.63
N MET A 137 0.63 30.40 -18.80
CA MET A 137 -0.06 30.53 -17.52
C MET A 137 -1.49 31.01 -17.75
N LYS A 138 -2.44 30.42 -17.05
CA LYS A 138 -3.85 30.78 -17.16
C LYS A 138 -4.09 32.29 -17.04
N GLY A 139 -4.59 32.90 -18.11
CA GLY A 139 -4.95 34.31 -18.08
C GLY A 139 -3.78 35.28 -18.18
N LYS A 140 -2.56 34.76 -18.31
CA LYS A 140 -1.37 35.62 -18.37
C LYS A 140 -0.52 35.36 -19.61
N ASN A 141 0.01 36.44 -20.19
CA ASN A 141 1.02 36.31 -21.24
C ASN A 141 2.38 35.98 -20.62
N LYS A 142 2.53 34.73 -20.18
CA LYS A 142 3.69 34.32 -19.41
C LYS A 142 3.84 32.80 -19.52
N LEU A 143 5.08 32.34 -19.68
CA LEU A 143 5.36 30.90 -19.68
C LEU A 143 5.78 30.42 -18.29
N VAL A 144 5.18 29.33 -17.84
CA VAL A 144 5.55 28.71 -16.57
C VAL A 144 5.84 27.22 -16.74
N PRO A 145 6.59 26.61 -15.80
CA PRO A 145 7.02 25.21 -15.88
C PRO A 145 5.88 24.20 -15.67
N ARG A 146 6.03 23.02 -16.27
CA ARG A 146 5.06 21.96 -16.07
C ARG A 146 5.68 20.64 -16.50
N LEU A 147 5.16 19.53 -15.97
CA LEU A 147 5.63 18.22 -16.39
C LEU A 147 4.69 17.62 -17.44
N LEU A 148 5.24 17.30 -18.60
CA LEU A 148 4.49 16.68 -19.67
C LEU A 148 4.90 15.21 -19.76
N GLY A 149 3.95 14.32 -19.54
CA GLY A 149 4.23 12.89 -19.51
C GLY A 149 3.64 12.09 -20.65
N ILE A 150 4.42 11.16 -21.17
CA ILE A 150 3.95 10.27 -22.22
C ILE A 150 3.88 8.85 -21.68
N THR A 151 2.73 8.21 -21.85
CA THR A 151 2.57 6.84 -21.41
C THR A 151 2.28 5.93 -22.59
N LYS A 152 2.16 4.65 -22.32
CA LYS A 152 1.89 3.68 -23.37
C LYS A 152 0.56 3.94 -24.08
N ASP A 153 -0.37 4.63 -23.40
CA ASP A 153 -1.69 4.87 -23.99
C ASP A 153 -2.25 6.28 -23.80
N SER A 154 -1.43 7.21 -23.32
CA SER A 154 -1.93 8.56 -23.08
C SER A 154 -0.84 9.64 -22.98
N VAL A 155 -1.30 10.87 -22.84
CA VAL A 155 -0.47 12.04 -22.55
C VAL A 155 -1.09 12.77 -21.35
N MET A 156 -0.26 13.18 -20.38
CA MET A 156 -0.75 13.86 -19.18
C MET A 156 0.04 15.13 -18.80
N ARG A 157 -0.67 16.12 -18.25
CA ARG A 157 -0.02 17.31 -17.67
C ARG A 157 0.07 17.12 -16.18
N VAL A 158 1.24 17.34 -15.61
CA VAL A 158 1.44 17.12 -14.18
C VAL A 158 2.10 18.32 -13.52
N ASP A 159 1.63 18.69 -12.34
CA ASP A 159 2.21 19.78 -11.56
C ASP A 159 3.62 19.45 -11.11
N GLU A 160 4.58 20.29 -11.45
CA GLU A 160 5.99 19.98 -11.23
C GLU A 160 6.36 20.01 -9.74
N LYS A 161 5.55 20.69 -8.94
CA LYS A 161 5.84 20.80 -7.51
C LYS A 161 5.14 19.71 -6.71
N THR A 162 3.85 19.54 -6.94
CA THR A 162 3.05 18.61 -6.16
C THR A 162 2.92 17.25 -6.82
N LYS A 163 3.20 17.19 -8.12
CA LYS A 163 3.08 15.96 -8.90
C LYS A 163 1.63 15.50 -9.10
N GLU A 164 0.68 16.37 -8.76
CA GLU A 164 -0.72 16.12 -9.09
C GLU A 164 -0.92 16.01 -10.60
N VAL A 165 -1.65 14.98 -11.04
CA VAL A 165 -2.03 14.86 -12.43
C VAL A 165 -3.16 15.83 -12.72
N LEU A 166 -2.89 16.82 -13.56
CA LEU A 166 -3.85 17.89 -13.80
C LEU A 166 -4.80 17.55 -14.93
N GLN A 167 -4.31 16.78 -15.90
CA GLN A 167 -5.06 16.50 -17.11
C GLN A 167 -4.50 15.26 -17.80
N GLU A 168 -5.35 14.47 -18.42
CA GLU A 168 -4.89 13.28 -19.14
C GLU A 168 -5.71 13.08 -20.42
N TRP A 169 -5.02 12.96 -21.55
CA TRP A 169 -5.66 12.68 -22.82
C TRP A 169 -5.25 11.28 -23.32
N PRO A 170 -6.24 10.43 -23.64
CA PRO A 170 -5.94 9.15 -24.29
C PRO A 170 -5.25 9.34 -25.64
N LEU A 171 -4.26 8.53 -25.93
CA LEU A 171 -3.62 8.58 -27.24
C LEU A 171 -4.62 8.42 -28.38
N THR A 172 -5.77 7.81 -28.11
CA THR A 172 -6.79 7.64 -29.14
C THR A 172 -7.57 8.93 -29.44
N THR A 173 -7.28 9.99 -28.68
CA THR A 173 -7.91 11.28 -28.92
C THR A 173 -6.97 12.27 -29.60
N VAL A 174 -5.74 11.82 -29.87
CA VAL A 174 -4.76 12.69 -30.49
C VAL A 174 -4.79 12.54 -32.00
N LYS A 175 -5.13 13.62 -32.68
CA LYS A 175 -5.29 13.61 -34.12
C LYS A 175 -3.94 13.72 -34.82
N ARG A 176 -3.11 14.63 -34.32
CA ARG A 176 -1.76 14.81 -34.84
C ARG A 176 -0.89 15.64 -33.88
N TRP A 177 0.41 15.69 -34.16
CA TRP A 177 1.30 16.50 -33.34
C TRP A 177 2.39 17.07 -34.21
N ALA A 178 3.05 18.10 -33.69
CA ALA A 178 4.11 18.76 -34.41
C ALA A 178 5.20 19.23 -33.46
N ALA A 179 6.40 19.36 -33.97
CA ALA A 179 7.50 19.86 -33.17
C ALA A 179 8.36 20.80 -34.00
N SER A 180 8.94 21.78 -33.32
CA SER A 180 9.92 22.67 -33.92
C SER A 180 11.10 22.59 -32.95
N PRO A 181 12.24 23.19 -33.29
CA PRO A 181 13.34 23.04 -32.35
C PRO A 181 13.07 23.72 -31.01
N LYS A 182 11.92 24.36 -30.83
CA LYS A 182 11.68 25.12 -29.60
C LYS A 182 10.29 24.93 -29.00
N SER A 183 9.47 24.11 -29.63
CA SER A 183 8.12 23.92 -29.17
C SER A 183 7.62 22.54 -29.52
N PHE A 184 6.52 22.16 -28.88
CA PHE A 184 5.84 20.93 -29.21
C PHE A 184 4.34 21.19 -29.10
N THR A 185 3.55 20.63 -30.01
CA THR A 185 2.13 20.93 -30.10
C THR A 185 1.29 19.69 -30.33
N LEU A 186 0.19 19.58 -29.60
CA LEU A 186 -0.75 18.48 -29.79
C LEU A 186 -2.08 19.01 -30.32
N ASP A 187 -2.60 18.34 -31.34
CA ASP A 187 -3.93 18.62 -31.91
C ASP A 187 -4.85 17.45 -31.58
N PHE A 188 -5.88 17.70 -30.78
CA PHE A 188 -6.82 16.66 -30.36
C PHE A 188 -8.07 16.60 -31.23
N GLY A 189 -8.00 17.16 -32.43
CA GLY A 189 -9.11 17.14 -33.36
C GLY A 189 -10.45 17.59 -32.78
N GLU A 190 -11.40 16.66 -32.74
CA GLU A 190 -12.77 16.99 -32.38
C GLU A 190 -13.05 16.98 -30.88
N TYR A 191 -12.04 16.60 -30.10
CA TYR A 191 -12.23 16.47 -28.65
C TYR A 191 -12.12 17.80 -27.91
N GLN A 192 -11.45 18.77 -28.51
CA GLN A 192 -11.41 20.12 -27.96
C GLN A 192 -11.00 21.12 -29.04
N GLU A 193 -11.36 22.39 -28.83
CA GLU A 193 -11.21 23.42 -29.86
C GLU A 193 -9.78 23.86 -30.11
N SER A 194 -9.00 23.99 -29.04
CA SER A 194 -7.66 24.57 -29.13
C SER A 194 -6.55 23.52 -29.10
N TYR A 195 -5.43 23.84 -29.75
CA TYR A 195 -4.23 23.01 -29.65
C TYR A 195 -3.60 23.16 -28.26
N TYR A 196 -2.73 22.22 -27.91
CA TYR A 196 -1.91 22.33 -26.70
C TYR A 196 -0.46 22.48 -27.10
N SER A 197 0.11 23.66 -26.85
CA SER A 197 1.50 23.89 -27.23
C SER A 197 2.35 24.24 -26.03
N VAL A 198 3.60 23.81 -26.04
CA VAL A 198 4.50 24.09 -24.94
C VAL A 198 5.88 24.42 -25.50
N GLN A 199 6.65 25.16 -24.71
CA GLN A 199 8.02 25.46 -25.07
C GLN A 199 8.94 24.37 -24.52
N THR A 200 9.82 23.86 -25.38
CA THR A 200 10.73 22.78 -25.02
C THR A 200 11.72 22.56 -26.15
N THR A 201 12.95 22.18 -25.81
CA THR A 201 13.94 21.84 -26.83
C THR A 201 13.96 20.34 -27.12
N GLU A 202 13.05 19.62 -26.47
CA GLU A 202 13.03 18.16 -26.61
C GLU A 202 11.82 17.67 -27.39
N GLY A 203 11.23 18.56 -28.19
CA GLY A 203 10.08 18.20 -29.00
C GLY A 203 10.24 16.96 -29.85
N GLU A 204 11.43 16.76 -30.41
CA GLU A 204 11.70 15.58 -31.24
C GLU A 204 11.64 14.26 -30.46
N GLN A 205 12.20 14.25 -29.26
CA GLN A 205 12.14 13.07 -28.40
C GLN A 205 10.68 12.76 -28.09
N ILE A 206 9.93 13.79 -27.75
CA ILE A 206 8.53 13.65 -27.37
C ILE A 206 7.73 13.03 -28.52
N SER A 207 7.92 13.56 -29.72
CA SER A 207 7.25 13.02 -30.92
C SER A 207 7.54 11.54 -31.13
N GLN A 208 8.80 11.15 -30.95
CA GLN A 208 9.20 9.75 -31.17
C GLN A 208 8.59 8.80 -30.16
N LEU A 209 8.52 9.22 -28.90
CA LEU A 209 7.89 8.39 -27.88
C LEU A 209 6.42 8.18 -28.22
N ILE A 210 5.77 9.25 -28.67
CA ILE A 210 4.35 9.18 -29.00
C ILE A 210 4.10 8.22 -30.17
N ALA A 211 4.88 8.39 -31.23
CA ALA A 211 4.82 7.46 -32.37
C ALA A 211 5.13 6.03 -31.96
N GLY A 212 6.19 5.86 -31.18
CA GLY A 212 6.60 4.54 -30.75
C GLY A 212 5.50 3.83 -29.98
N TYR A 213 4.84 4.55 -29.09
CA TYR A 213 3.81 3.96 -28.26
C TYR A 213 2.54 3.66 -29.06
N ILE A 214 2.20 4.56 -29.99
CA ILE A 214 1.04 4.34 -30.84
C ILE A 214 1.25 3.06 -31.64
N ASP A 215 2.49 2.85 -32.07
CA ASP A 215 2.82 1.72 -32.92
C ASP A 215 2.64 0.42 -32.16
N ILE A 216 3.14 0.37 -30.93
CA ILE A 216 2.94 -0.79 -30.08
C ILE A 216 1.46 -1.12 -29.96
N ILE A 217 0.62 -0.09 -29.85
CA ILE A 217 -0.83 -0.29 -29.78
C ILE A 217 -1.42 -0.74 -31.11
N LEU A 218 -0.91 -0.18 -32.21
CA LEU A 218 -1.45 -0.53 -33.51
C LEU A 218 -1.11 -1.97 -33.88
N LYS A 219 -0.08 -2.51 -33.22
CA LYS A 219 0.35 -3.88 -33.49
C LYS A 219 -0.27 -4.88 -32.52
N LYS A 220 -0.94 -4.37 -31.49
CA LYS A 220 -1.73 -5.22 -30.60
C LYS A 220 -3.03 -5.61 -31.32
N LYS A 221 -3.67 -4.63 -31.94
CA LYS A 221 -4.88 -4.87 -32.71
C LYS A 221 -4.69 -6.02 -33.68
N GLN A 222 -3.54 -6.05 -34.35
CA GLN A 222 -3.24 -7.07 -35.34
C GLN A 222 -3.19 -8.48 -34.75
N SER A 223 -2.59 -8.61 -33.56
CA SER A 223 -2.51 -9.89 -32.88
C SER A 223 -3.17 -9.84 -31.51
N ASN B 20 -6.65 6.02 -1.68
CA ASN B 20 -8.12 6.08 -1.64
C ASN B 20 -8.64 6.51 -0.28
N VAL B 21 -7.74 6.75 0.65
CA VAL B 21 -8.09 7.35 1.93
C VAL B 21 -7.94 8.86 1.81
N ASP B 22 -8.98 9.50 1.29
CA ASP B 22 -8.92 10.90 0.92
C ASP B 22 -9.33 11.82 2.07
N SER B 23 -8.53 12.86 2.31
CA SER B 23 -8.84 13.84 3.34
C SER B 23 -9.63 15.00 2.74
N ARG B 24 -9.92 14.91 1.44
CA ARG B 24 -10.69 15.94 0.77
C ARG B 24 -12.16 15.57 0.65
N ASP B 25 -12.56 14.53 1.39
CA ASP B 25 -13.98 14.23 1.59
C ASP B 25 -14.20 13.82 3.03
N PRO B 26 -14.27 14.81 3.94
CA PRO B 26 -14.39 14.59 5.39
C PRO B 26 -15.49 13.61 5.77
N VAL B 27 -16.56 13.52 4.99
CA VAL B 27 -17.65 12.62 5.33
C VAL B 27 -17.31 11.17 5.03
N GLN B 28 -16.80 10.91 3.82
CA GLN B 28 -16.33 9.59 3.47
C GLN B 28 -15.17 9.16 4.39
N LEU B 29 -14.28 10.11 4.70
CA LEU B 29 -13.14 9.81 5.57
C LEU B 29 -13.61 9.36 6.96
N ASN B 30 -14.63 10.03 7.48
CA ASN B 30 -15.18 9.68 8.79
C ASN B 30 -15.75 8.25 8.82
N LEU B 31 -16.41 7.86 7.75
CA LEU B 31 -16.94 6.51 7.65
C LEU B 31 -15.83 5.47 7.74
N LEU B 32 -14.76 5.67 6.98
CA LEU B 32 -13.62 4.75 7.01
C LEU B 32 -13.04 4.68 8.42
N TYR B 33 -12.87 5.85 9.05
CA TYR B 33 -12.32 5.91 10.39
C TYR B 33 -13.18 5.14 11.36
N VAL B 34 -14.49 5.40 11.33
CA VAL B 34 -15.41 4.72 12.22
C VAL B 34 -15.35 3.20 12.08
N GLN B 35 -15.29 2.72 10.84
CA GLN B 35 -15.25 1.28 10.58
C GLN B 35 -13.97 0.63 11.13
N ALA B 36 -12.83 1.24 10.84
CA ALA B 36 -11.54 0.70 11.29
C ALA B 36 -11.40 0.72 12.79
N ARG B 37 -11.80 1.85 13.40
CA ARG B 37 -11.77 2.02 14.84
C ARG B 37 -12.62 0.97 15.54
N ASP B 38 -13.87 0.81 15.10
CA ASP B 38 -14.75 -0.17 15.74
C ASP B 38 -14.18 -1.59 15.62
N ASP B 39 -13.63 -1.94 14.45
CA ASP B 39 -13.03 -3.25 14.26
C ASP B 39 -11.89 -3.50 15.27
N ILE B 40 -11.11 -2.46 15.53
CA ILE B 40 -10.01 -2.59 16.50
C ILE B 40 -10.54 -2.63 17.93
N LEU B 41 -11.47 -1.74 18.26
CA LEU B 41 -12.01 -1.68 19.61
C LEU B 41 -12.77 -2.94 20.01
N ASN B 42 -13.53 -3.53 19.09
CA ASN B 42 -14.29 -4.73 19.44
C ASN B 42 -13.58 -6.03 19.10
N GLY B 43 -12.34 -5.92 18.64
CA GLY B 43 -11.49 -7.09 18.40
C GLY B 43 -11.66 -7.86 17.10
N SER B 44 -12.52 -7.39 16.21
CA SER B 44 -12.62 -7.98 14.87
C SER B 44 -11.28 -7.86 14.14
N HIS B 45 -10.54 -6.79 14.43
CA HIS B 45 -9.18 -6.64 13.91
C HIS B 45 -8.18 -6.71 15.07
N PRO B 46 -7.65 -7.90 15.34
CA PRO B 46 -6.71 -8.08 16.45
C PRO B 46 -5.40 -7.32 16.20
N VAL B 47 -4.91 -6.61 17.21
CA VAL B 47 -3.67 -5.88 17.10
C VAL B 47 -2.86 -6.06 18.38
N SER B 48 -1.58 -5.71 18.33
CA SER B 48 -0.70 -5.84 19.50
C SER B 48 -0.99 -4.76 20.51
N PHE B 49 -0.50 -4.94 21.73
CA PHE B 49 -0.65 -3.93 22.77
C PHE B 49 -0.12 -2.58 22.29
N GLU B 50 1.09 -2.60 21.74
CA GLU B 50 1.74 -1.39 21.29
C GLU B 50 0.93 -0.67 20.21
N LYS B 51 0.41 -1.42 19.23
CA LYS B 51 -0.42 -0.81 18.21
C LYS B 51 -1.73 -0.25 18.81
N ALA B 52 -2.34 -1.01 19.70
CA ALA B 52 -3.58 -0.59 20.33
C ALA B 52 -3.43 0.79 20.96
N CYS B 53 -2.28 1.02 21.59
CA CYS B 53 -2.04 2.27 22.29
C CYS B 53 -1.76 3.40 21.30
N GLU B 54 -1.20 3.05 20.15
CA GLU B 54 -0.96 4.02 19.07
C GLU B 54 -2.28 4.47 18.48
N PHE B 55 -3.17 3.52 18.22
CA PHE B 55 -4.52 3.83 17.76
C PHE B 55 -5.25 4.71 18.79
N GLY B 56 -5.23 4.28 20.05
CA GLY B 56 -5.82 5.08 21.11
C GLY B 56 -5.30 6.51 21.15
N GLY B 57 -4.00 6.67 20.93
CA GLY B 57 -3.38 7.99 20.86
C GLY B 57 -4.02 8.89 19.81
N PHE B 58 -4.21 8.35 18.61
CA PHE B 58 -4.87 9.10 17.53
C PHE B 58 -6.33 9.34 17.92
N GLN B 59 -6.95 8.31 18.51
CA GLN B 59 -8.33 8.43 18.93
C GLN B 59 -8.49 9.58 19.90
N ALA B 60 -7.55 9.71 20.81
CA ALA B 60 -7.55 10.80 21.79
C ALA B 60 -7.44 12.16 21.09
N GLN B 61 -6.51 12.28 20.15
CA GLN B 61 -6.35 13.50 19.38
C GLN B 61 -7.65 13.86 18.65
N ILE B 62 -8.33 12.84 18.15
CA ILE B 62 -9.57 13.05 17.42
C ILE B 62 -10.68 13.54 18.34
N GLN B 63 -10.86 12.87 19.47
CA GLN B 63 -11.97 13.18 20.37
C GLN B 63 -11.73 14.40 21.27
N PHE B 64 -10.49 14.65 21.65
CA PHE B 64 -10.21 15.71 22.61
C PHE B 64 -9.44 16.88 22.03
N GLY B 65 -8.84 16.67 20.86
CA GLY B 65 -7.95 17.66 20.29
C GLY B 65 -6.57 17.48 20.89
N PRO B 66 -5.67 18.44 20.66
CA PRO B 66 -4.27 18.34 21.11
C PRO B 66 -4.15 17.99 22.59
N HIS B 67 -3.07 17.31 22.94
CA HIS B 67 -2.83 16.85 24.31
C HIS B 67 -2.63 17.99 25.31
N VAL B 68 -3.35 17.93 26.43
CA VAL B 68 -3.20 18.92 27.49
C VAL B 68 -2.66 18.25 28.74
N GLU B 69 -1.39 18.50 29.03
CA GLU B 69 -0.65 17.76 30.06
C GLU B 69 -1.31 17.73 31.44
N HIS B 70 -1.75 18.88 31.93
CA HIS B 70 -2.29 18.95 33.29
C HIS B 70 -3.70 18.38 33.42
N LYS B 71 -4.29 18.01 32.29
CA LYS B 71 -5.67 17.49 32.27
C LYS B 71 -5.72 16.03 31.83
N HIS B 72 -4.98 15.69 30.78
CA HIS B 72 -4.99 14.33 30.25
C HIS B 72 -3.92 13.48 30.91
N LYS B 73 -4.23 12.95 32.09
CA LYS B 73 -3.33 12.05 32.79
C LYS B 73 -4.12 10.86 33.30
N PRO B 74 -3.41 9.81 33.76
CA PRO B 74 -4.05 8.59 34.29
C PRO B 74 -5.31 8.88 35.11
N GLY B 75 -6.36 8.14 34.80
CA GLY B 75 -7.65 8.35 35.42
C GLY B 75 -8.61 9.01 34.46
N PHE B 76 -8.05 9.82 33.56
CA PHE B 76 -8.88 10.63 32.65
C PHE B 76 -9.74 9.80 31.71
N LEU B 77 -9.14 8.79 31.10
CA LEU B 77 -9.82 8.01 30.08
C LEU B 77 -10.63 6.87 30.68
N ASP B 78 -11.79 6.63 30.10
CA ASP B 78 -12.47 5.37 30.29
C ASP B 78 -11.85 4.37 29.31
N LEU B 79 -10.83 3.65 29.77
CA LEU B 79 -9.99 2.82 28.91
C LEU B 79 -10.73 1.87 27.97
N LYS B 80 -11.92 1.41 28.37
CA LYS B 80 -12.66 0.49 27.53
C LYS B 80 -13.24 1.15 26.27
N GLU B 81 -13.26 2.49 26.26
CA GLU B 81 -13.63 3.25 25.06
C GLU B 81 -12.45 3.38 24.09
N PHE B 82 -11.25 3.07 24.57
CA PHE B 82 -10.05 3.35 23.81
C PHE B 82 -9.16 2.15 23.51
N LEU B 83 -9.51 0.97 24.04
CA LEU B 83 -8.68 -0.21 23.86
C LEU B 83 -9.51 -1.47 23.64
N PRO B 84 -8.94 -2.43 22.90
CA PRO B 84 -9.53 -3.78 22.83
C PRO B 84 -9.59 -4.39 24.24
N LYS B 85 -10.60 -5.20 24.48
CA LYS B 85 -10.86 -5.81 25.79
C LYS B 85 -9.60 -6.31 26.50
N GLU B 86 -8.76 -7.02 25.76
CA GLU B 86 -7.56 -7.67 26.27
C GLU B 86 -6.51 -6.76 26.89
N TYR B 87 -6.59 -5.46 26.64
CA TYR B 87 -5.51 -4.56 27.06
C TYR B 87 -5.89 -3.55 28.12
N ILE B 88 -7.18 -3.49 28.43
CA ILE B 88 -7.69 -2.54 29.41
C ILE B 88 -6.94 -2.58 30.74
N LYS B 89 -6.57 -3.78 31.18
CA LYS B 89 -5.92 -3.96 32.48
C LYS B 89 -4.40 -4.13 32.41
N GLN B 90 -3.82 -3.89 31.23
CA GLN B 90 -2.38 -4.12 31.06
C GLN B 90 -1.55 -2.96 31.59
N ARG B 91 -0.41 -3.29 32.18
CA ARG B 91 0.47 -2.30 32.82
C ARG B 91 0.87 -1.14 31.91
N GLY B 92 0.58 0.07 32.36
CA GLY B 92 1.04 1.27 31.68
C GLY B 92 0.31 1.59 30.40
N ALA B 93 -0.91 1.06 30.25
CA ALA B 93 -1.69 1.28 29.03
C ALA B 93 -2.02 2.76 28.85
N GLU B 94 -2.58 3.38 29.87
CA GLU B 94 -2.99 4.77 29.78
C GLU B 94 -1.79 5.69 29.56
N LYS B 95 -0.69 5.41 30.25
CA LYS B 95 0.52 6.20 30.07
C LYS B 95 1.01 6.12 28.62
N ARG B 96 0.97 4.91 28.05
CA ARG B 96 1.34 4.72 26.66
C ARG B 96 0.43 5.48 25.71
N ILE B 97 -0.88 5.41 25.93
CA ILE B 97 -1.83 6.11 25.09
C ILE B 97 -1.54 7.62 25.10
N PHE B 98 -1.29 8.18 26.28
CA PHE B 98 -1.04 9.61 26.40
C PHE B 98 0.29 10.05 25.80
N GLN B 99 1.29 9.17 25.82
CA GLN B 99 2.55 9.46 25.14
CA GLN B 99 2.54 9.48 25.15
C GLN B 99 2.30 9.59 23.65
N GLU B 100 1.47 8.69 23.12
CA GLU B 100 1.13 8.72 21.69
C GLU B 100 0.28 9.95 21.38
N HIS B 101 -0.64 10.27 22.29
CA HIS B 101 -1.48 11.46 22.13
C HIS B 101 -0.62 12.71 22.01
N LYS B 102 0.34 12.85 22.92
CA LYS B 102 1.26 13.97 22.92
C LYS B 102 2.05 14.07 21.61
N ASN B 103 2.49 12.93 21.08
CA ASN B 103 3.25 12.90 19.84
C ASN B 103 2.52 13.55 18.66
N CYS B 104 1.20 13.61 18.74
CA CYS B 104 0.39 14.16 17.66
C CYS B 104 0.47 15.68 17.57
N GLY B 105 1.00 16.31 18.62
CA GLY B 105 1.14 17.76 18.66
C GLY B 105 -0.16 18.49 18.36
N GLU B 106 -0.16 19.31 17.31
CA GLU B 106 -1.34 20.10 16.94
C GLU B 106 -2.06 19.51 15.73
N MET B 107 -1.76 18.26 15.42
CA MET B 107 -2.41 17.54 14.33
C MET B 107 -3.93 17.78 14.33
N SER B 108 -4.49 18.00 13.15
CA SER B 108 -5.92 18.24 13.04
C SER B 108 -6.73 16.96 13.18
N GLU B 109 -8.02 17.11 13.48
CA GLU B 109 -8.93 15.98 13.56
C GLU B 109 -8.84 15.14 12.29
N ILE B 110 -8.83 15.83 11.16
CA ILE B 110 -8.76 15.16 9.85
C ILE B 110 -7.46 14.38 9.67
N GLU B 111 -6.33 15.02 9.95
CA GLU B 111 -5.05 14.33 9.74
C GLU B 111 -4.91 13.12 10.65
N ALA B 112 -5.43 13.24 11.86
CA ALA B 112 -5.42 12.14 12.81
C ALA B 112 -6.23 10.97 12.27
N LYS B 113 -7.37 11.28 11.67
CA LYS B 113 -8.24 10.26 11.07
C LYS B 113 -7.54 9.56 9.91
N VAL B 114 -6.88 10.33 9.05
CA VAL B 114 -6.13 9.75 7.96
C VAL B 114 -5.05 8.79 8.48
N LYS B 115 -4.34 9.22 9.52
CA LYS B 115 -3.25 8.41 10.07
C LYS B 115 -3.76 7.14 10.77
N TYR B 116 -4.92 7.24 11.42
CA TYR B 116 -5.54 6.09 12.06
C TYR B 116 -5.87 5.06 10.99
N VAL B 117 -6.55 5.49 9.94
CA VAL B 117 -6.90 4.59 8.85
C VAL B 117 -5.67 4.03 8.14
N LYS B 118 -4.67 4.86 7.89
CA LYS B 118 -3.46 4.38 7.21
C LYS B 118 -2.73 3.37 8.08
N LEU B 119 -2.67 3.64 9.39
CA LEU B 119 -2.02 2.71 10.30
C LEU B 119 -2.76 1.36 10.28
N ALA B 120 -4.09 1.40 10.33
CA ALA B 120 -4.86 0.16 10.29
C ALA B 120 -4.62 -0.64 9.01
N ARG B 121 -4.61 0.03 7.87
CA ARG B 121 -4.39 -0.64 6.58
C ARG B 121 -2.98 -1.19 6.45
N SER B 122 -2.02 -0.60 7.16
CA SER B 122 -0.62 -1.02 7.05
C SER B 122 -0.34 -2.38 7.69
N LEU B 123 -1.22 -2.83 8.59
CA LEU B 123 -1.02 -4.10 9.28
C LEU B 123 -1.41 -5.29 8.41
N ARG B 124 -0.61 -6.37 8.46
CA ARG B 124 -0.91 -7.60 7.71
C ARG B 124 -2.23 -8.25 8.11
N THR B 125 -2.71 -7.91 9.29
CA THR B 125 -3.95 -8.44 9.84
C THR B 125 -5.17 -7.70 9.31
N TYR B 126 -4.95 -6.58 8.63
CA TYR B 126 -6.08 -5.83 8.08
C TYR B 126 -6.86 -6.66 7.06
N GLY B 127 -8.19 -6.60 7.13
CA GLY B 127 -9.04 -7.27 6.16
C GLY B 127 -9.15 -8.78 6.36
N VAL B 128 -8.60 -9.28 7.46
CA VAL B 128 -8.61 -10.72 7.72
C VAL B 128 -9.69 -11.14 8.73
N SER B 129 -10.38 -12.22 8.44
CA SER B 129 -11.37 -12.77 9.37
C SER B 129 -10.70 -13.80 10.30
N PHE B 130 -10.70 -13.51 11.60
CA PHE B 130 -10.02 -14.34 12.57
C PHE B 130 -10.96 -15.18 13.41
N PHE B 131 -10.53 -16.41 13.66
CA PHE B 131 -11.23 -17.34 14.54
C PHE B 131 -10.32 -17.74 15.65
N LEU B 132 -10.86 -17.76 16.86
CA LEU B 132 -10.11 -18.21 18.03
C LEU B 132 -10.27 -19.73 18.12
N VAL B 133 -9.16 -20.43 18.06
CA VAL B 133 -9.21 -21.90 18.07
C VAL B 133 -8.20 -22.46 19.06
N LYS B 134 -8.14 -23.79 19.16
CA LYS B 134 -7.07 -24.44 19.90
C LYS B 134 -6.29 -25.38 19.00
N GLU B 135 -4.98 -25.43 19.21
CA GLU B 135 -4.11 -26.35 18.49
C GLU B 135 -3.23 -27.12 19.48
N LYS B 136 -2.53 -28.14 18.99
CA LYS B 136 -1.60 -28.87 19.83
C LYS B 136 -0.42 -27.98 20.29
N MET B 137 -0.11 -28.04 21.58
CA MET B 137 1.05 -27.35 22.10
C MET B 137 2.31 -28.07 21.64
N LYS B 138 3.31 -27.30 21.21
CA LYS B 138 4.57 -27.89 20.78
C LYS B 138 5.15 -28.80 21.86
N GLY B 139 5.37 -30.06 21.52
CA GLY B 139 6.00 -31.01 22.43
C GLY B 139 5.15 -31.54 23.58
N LYS B 140 3.89 -31.16 23.66
CA LYS B 140 3.05 -31.64 24.75
C LYS B 140 1.66 -32.08 24.29
N ASN B 141 1.13 -33.12 24.93
CA ASN B 141 -0.26 -33.55 24.71
C ASN B 141 -1.23 -32.60 25.41
N LYS B 142 -1.45 -31.44 24.80
CA LYS B 142 -2.23 -30.38 25.41
C LYS B 142 -2.71 -29.40 24.35
N LEU B 143 -3.94 -28.93 24.47
CA LEU B 143 -4.48 -27.96 23.53
C LEU B 143 -4.31 -26.52 24.06
N VAL B 144 -3.83 -25.63 23.20
CA VAL B 144 -3.68 -24.21 23.56
C VAL B 144 -4.28 -23.29 22.50
N PRO B 145 -4.63 -22.05 22.90
CA PRO B 145 -5.30 -21.06 22.05
C PRO B 145 -4.43 -20.52 20.92
N ARG B 146 -5.07 -20.11 19.83
CA ARG B 146 -4.39 -19.50 18.70
C ARG B 146 -5.43 -18.82 17.81
N LEU B 147 -4.99 -17.86 17.00
CA LEU B 147 -5.86 -17.22 16.02
C LEU B 147 -5.63 -17.78 14.61
N LEU B 148 -6.71 -18.21 13.98
CA LEU B 148 -6.66 -18.65 12.59
C LEU B 148 -7.32 -17.58 11.72
N GLY B 149 -6.58 -17.06 10.75
CA GLY B 149 -7.09 -16.02 9.89
C GLY B 149 -7.31 -16.47 8.46
N ILE B 150 -8.45 -16.08 7.90
CA ILE B 150 -8.75 -16.32 6.50
C ILE B 150 -8.75 -15.00 5.75
N THR B 151 -7.87 -14.87 4.75
CA THR B 151 -7.76 -13.65 3.97
C THR B 151 -8.26 -13.90 2.56
N LYS B 152 -8.23 -12.85 1.75
CA LYS B 152 -8.68 -12.98 0.37
C LYS B 152 -7.83 -13.97 -0.44
N ASP B 153 -6.57 -14.15 -0.05
CA ASP B 153 -5.66 -15.00 -0.81
C ASP B 153 -4.86 -16.00 0.03
N SER B 154 -5.13 -16.08 1.32
CA SER B 154 -4.31 -16.94 2.18
C SER B 154 -4.99 -17.35 3.47
N VAL B 155 -4.31 -18.24 4.18
CA VAL B 155 -4.67 -18.62 5.54
C VAL B 155 -3.47 -18.33 6.45
N MET B 156 -3.71 -17.75 7.62
CA MET B 156 -2.59 -17.46 8.53
C MET B 156 -2.81 -17.92 9.97
N ARG B 157 -1.71 -18.34 10.60
CA ARG B 157 -1.69 -18.72 12.00
C ARG B 157 -1.11 -17.55 12.79
N VAL B 158 -1.84 -17.05 13.78
CA VAL B 158 -1.45 -15.83 14.46
C VAL B 158 -1.42 -16.00 15.98
N ASP B 159 -0.38 -15.48 16.63
CA ASP B 159 -0.28 -15.53 18.09
C ASP B 159 -1.37 -14.66 18.72
N GLU B 160 -2.17 -15.27 19.59
CA GLU B 160 -3.36 -14.61 20.14
C GLU B 160 -3.02 -13.51 21.15
N LYS B 161 -1.79 -13.53 21.66
CA LYS B 161 -1.32 -12.49 22.59
C LYS B 161 -0.61 -11.34 21.89
N THR B 162 0.37 -11.66 21.07
CA THR B 162 1.22 -10.63 20.48
C THR B 162 0.71 -10.22 19.11
N LYS B 163 -0.10 -11.08 18.51
CA LYS B 163 -0.65 -10.87 17.16
C LYS B 163 0.40 -11.00 16.07
N GLU B 164 1.55 -11.57 16.41
CA GLU B 164 2.57 -11.88 15.40
C GLU B 164 2.03 -12.94 14.43
N VAL B 165 2.23 -12.71 13.14
CA VAL B 165 1.85 -13.69 12.14
C VAL B 165 2.91 -14.80 12.14
N LEU B 166 2.51 -16.00 12.57
CA LEU B 166 3.46 -17.11 12.73
C LEU B 166 3.67 -17.89 11.44
N GLN B 167 2.58 -18.11 10.71
CA GLN B 167 2.66 -18.77 9.41
C GLN B 167 1.60 -18.21 8.48
N GLU B 168 1.87 -18.30 7.18
CA GLU B 168 0.93 -17.84 6.18
C GLU B 168 1.00 -18.74 4.95
N TRP B 169 -0.13 -19.34 4.60
CA TRP B 169 -0.22 -20.23 3.46
C TRP B 169 -1.09 -19.61 2.37
N PRO B 170 -0.56 -19.50 1.14
CA PRO B 170 -1.40 -19.05 0.03
C PRO B 170 -2.55 -20.02 -0.18
N LEU B 171 -3.73 -19.49 -0.47
CA LEU B 171 -4.85 -20.37 -0.77
C LEU B 171 -4.52 -21.38 -1.88
N THR B 172 -3.58 -21.04 -2.75
CA THR B 172 -3.24 -21.93 -3.87
C THR B 172 -2.40 -23.13 -3.40
N THR B 173 -1.96 -23.11 -2.15
CA THR B 173 -1.25 -24.26 -1.59
C THR B 173 -2.20 -25.16 -0.79
N VAL B 174 -3.46 -24.76 -0.69
CA VAL B 174 -4.45 -25.56 0.02
C VAL B 174 -5.10 -26.55 -0.92
N LYS B 175 -4.88 -27.84 -0.67
CA LYS B 175 -5.43 -28.91 -1.51
C LYS B 175 -6.87 -29.24 -1.16
N ARG B 176 -7.19 -29.20 0.13
CA ARG B 176 -8.57 -29.42 0.60
C ARG B 176 -8.70 -29.11 2.09
N TRP B 177 -9.93 -29.17 2.60
CA TRP B 177 -10.19 -28.93 4.01
C TRP B 177 -11.36 -29.77 4.49
N ALA B 178 -11.42 -30.01 5.80
CA ALA B 178 -12.51 -30.75 6.40
C ALA B 178 -12.99 -30.09 7.70
N ALA B 179 -14.26 -30.27 8.01
CA ALA B 179 -14.79 -29.79 9.26
C ALA B 179 -15.66 -30.86 9.92
N SER B 180 -15.61 -30.91 11.23
CA SER B 180 -16.52 -31.72 12.03
C SER B 180 -17.13 -30.70 12.96
N PRO B 181 -18.08 -31.12 13.80
CA PRO B 181 -18.67 -30.13 14.70
C PRO B 181 -17.68 -29.61 15.75
N LYS B 182 -16.49 -30.19 15.80
CA LYS B 182 -15.55 -29.81 16.85
C LYS B 182 -14.14 -29.55 16.36
N SER B 183 -13.91 -29.69 15.06
CA SER B 183 -12.57 -29.50 14.56
C SER B 183 -12.56 -28.98 13.14
N PHE B 184 -11.41 -28.47 12.72
CA PHE B 184 -11.20 -28.02 11.36
C PHE B 184 -9.80 -28.39 10.91
N THR B 185 -9.67 -28.88 9.68
CA THR B 185 -8.40 -29.38 9.19
C THR B 185 -8.10 -28.93 7.78
N LEU B 186 -6.83 -28.56 7.55
CA LEU B 186 -6.36 -28.15 6.24
C LEU B 186 -5.34 -29.14 5.69
N ASP B 187 -5.44 -29.44 4.40
CA ASP B 187 -4.50 -30.31 3.69
C ASP B 187 -3.74 -29.48 2.65
N PHE B 188 -2.42 -29.36 2.83
CA PHE B 188 -1.59 -28.55 1.93
C PHE B 188 -0.89 -29.37 0.84
N GLY B 189 -1.42 -30.54 0.53
CA GLY B 189 -0.88 -31.38 -0.52
C GLY B 189 0.62 -31.58 -0.42
N GLU B 190 1.34 -31.31 -1.50
CA GLU B 190 2.77 -31.55 -1.57
C GLU B 190 3.62 -30.47 -0.88
N TYR B 191 2.99 -29.44 -0.36
CA TYR B 191 3.71 -28.30 0.18
C TYR B 191 4.26 -28.51 1.59
N GLN B 192 3.65 -29.40 2.34
CA GLN B 192 4.21 -29.80 3.63
C GLN B 192 3.78 -31.23 4.02
N GLU B 193 4.50 -31.81 4.98
CA GLU B 193 4.32 -33.21 5.32
C GLU B 193 2.97 -33.53 5.95
N SER B 194 2.56 -32.74 6.94
CA SER B 194 1.39 -33.07 7.74
C SER B 194 0.21 -32.11 7.54
N TYR B 195 -0.96 -32.50 8.04
CA TYR B 195 -2.14 -31.64 8.03
C TYR B 195 -2.03 -30.61 9.15
N TYR B 196 -2.81 -29.54 9.06
CA TYR B 196 -2.98 -28.63 10.19
C TYR B 196 -4.40 -28.77 10.71
N SER B 197 -4.54 -29.29 11.93
CA SER B 197 -5.86 -29.48 12.53
C SER B 197 -5.98 -28.69 13.83
N VAL B 198 -7.14 -28.10 14.04
CA VAL B 198 -7.39 -27.31 15.23
C VAL B 198 -8.76 -27.61 15.80
N GLN B 199 -8.94 -27.31 17.08
CA GLN B 199 -10.22 -27.51 17.74
C GLN B 199 -11.03 -26.22 17.71
N THR B 200 -12.29 -26.32 17.29
CA THR B 200 -13.17 -25.18 17.10
C THR B 200 -14.57 -25.67 16.84
N THR B 201 -15.57 -24.93 17.30
CA THR B 201 -16.96 -25.21 16.96
C THR B 201 -17.38 -24.43 15.72
N GLU B 202 -16.45 -23.71 15.11
CA GLU B 202 -16.82 -22.83 14.00
C GLU B 202 -16.27 -23.31 12.66
N GLY B 203 -15.94 -24.60 12.61
CA GLY B 203 -15.39 -25.19 11.39
C GLY B 203 -16.20 -24.90 10.15
N GLU B 204 -17.52 -24.95 10.27
CA GLU B 204 -18.38 -24.69 9.12
C GLU B 204 -18.23 -23.27 8.57
N GLN B 205 -18.25 -22.27 9.45
CA GLN B 205 -18.04 -20.90 9.01
C GLN B 205 -16.70 -20.78 8.31
N ILE B 206 -15.67 -21.40 8.89
CA ILE B 206 -14.33 -21.29 8.34
C ILE B 206 -14.29 -21.87 6.93
N SER B 207 -14.91 -23.03 6.74
CA SER B 207 -15.01 -23.66 5.42
C SER B 207 -15.67 -22.76 4.39
N GLN B 208 -16.79 -22.13 4.78
CA GLN B 208 -17.52 -21.26 3.86
C GLN B 208 -16.70 -20.04 3.44
N LEU B 209 -15.95 -19.48 4.38
CA LEU B 209 -15.09 -18.33 4.08
C LEU B 209 -14.03 -18.71 3.07
N ILE B 210 -13.35 -19.82 3.33
CA ILE B 210 -12.32 -20.33 2.42
C ILE B 210 -12.86 -20.55 1.01
N ALA B 211 -13.98 -21.26 0.89
CA ALA B 211 -14.64 -21.41 -0.40
C ALA B 211 -14.95 -20.07 -1.06
N GLY B 212 -15.62 -19.19 -0.31
CA GLY B 212 -16.05 -17.91 -0.84
C GLY B 212 -14.92 -17.12 -1.45
N TYR B 213 -13.77 -17.10 -0.78
CA TYR B 213 -12.63 -16.35 -1.29
C TYR B 213 -12.00 -17.03 -2.51
N ILE B 214 -11.97 -18.35 -2.50
CA ILE B 214 -11.45 -19.09 -3.64
C ILE B 214 -12.29 -18.79 -4.87
N ASP B 215 -13.61 -18.76 -4.69
CA ASP B 215 -14.53 -18.53 -5.79
C ASP B 215 -14.22 -17.19 -6.45
N ILE B 216 -14.02 -16.17 -5.62
CA ILE B 216 -13.70 -14.84 -6.14
C ILE B 216 -12.42 -14.87 -6.97
N ILE B 217 -11.39 -15.52 -6.46
CA ILE B 217 -10.14 -15.68 -7.21
C ILE B 217 -10.39 -16.31 -8.57
N LEU B 218 -11.29 -17.30 -8.62
CA LEU B 218 -11.61 -17.97 -9.87
C LEU B 218 -12.37 -17.08 -10.85
N LYS B 219 -13.27 -16.24 -10.31
CA LYS B 219 -14.04 -15.33 -11.15
C LYS B 219 -13.22 -14.12 -11.61
N LYS B 220 -11.98 -14.05 -11.13
CA LYS B 220 -11.02 -13.05 -11.60
C LYS B 220 -10.20 -13.63 -12.74
N LYS B 221 -9.92 -14.93 -12.65
CA LYS B 221 -9.23 -15.64 -13.72
C LYS B 221 -10.12 -15.70 -14.95
N GLN B 222 -11.42 -15.48 -14.74
CA GLN B 222 -12.37 -15.37 -15.84
C GLN B 222 -12.35 -13.95 -16.38
N SER B 223 -11.40 -13.16 -15.87
CA SER B 223 -11.23 -11.76 -16.27
C SER B 223 -12.55 -11.00 -16.27
N GLY C 1 -4.14 -34.37 43.94
CA GLY C 1 -3.34 -33.17 43.73
C GLY C 1 -3.83 -32.34 42.55
N PRO C 2 -3.94 -31.02 42.76
CA PRO C 2 -4.40 -30.07 41.73
C PRO C 2 -3.70 -30.25 40.38
N LYS C 3 -2.38 -30.18 40.35
CA LYS C 3 -1.64 -30.33 39.10
C LYS C 3 -1.86 -31.73 38.50
N LEU C 4 -1.81 -32.74 39.37
CA LEU C 4 -2.03 -34.14 38.97
C LEU C 4 -3.33 -34.27 38.17
N LEU C 5 -4.42 -33.71 38.70
CA LEU C 5 -5.72 -33.86 38.07
C LEU C 5 -5.84 -33.03 36.80
N MET C 6 -5.22 -31.85 36.78
CA MET C 6 -5.22 -31.00 35.61
CA MET C 6 -5.24 -31.01 35.61
C MET C 6 -4.51 -31.70 34.46
N ILE C 7 -3.37 -32.32 34.77
CA ILE C 7 -2.61 -33.06 33.76
C ILE C 7 -3.45 -34.17 33.13
N ILE C 8 -4.03 -35.01 33.97
CA ILE C 8 -4.85 -36.11 33.47
C ILE C 8 -5.97 -35.59 32.56
N HIS C 9 -6.59 -34.50 32.99
CA HIS C 9 -7.66 -33.86 32.22
C HIS C 9 -7.17 -33.32 30.87
N ASP C 10 -6.05 -32.61 30.87
CA ASP C 10 -5.49 -32.07 29.62
C ASP C 10 -5.14 -33.15 28.60
N ARG C 11 -4.56 -34.27 29.06
CA ARG C 11 -4.20 -35.38 28.17
C ARG C 11 -5.43 -36.09 27.59
N ARG C 12 -6.47 -36.27 28.42
CA ARG C 12 -7.72 -36.81 27.93
C ARG C 12 -8.33 -35.90 26.87
N GLU C 13 -8.36 -34.61 27.15
CA GLU C 13 -8.95 -33.65 26.23
C GLU C 13 -8.21 -33.63 24.89
N PHE C 14 -6.89 -33.68 24.93
CA PHE C 14 -6.11 -33.74 23.70
C PHE C 14 -6.49 -35.02 22.94
N ALA C 15 -6.51 -36.14 23.66
CA ALA C 15 -6.86 -37.42 23.05
C ALA C 15 -8.27 -37.41 22.44
N LYS C 16 -9.23 -36.79 23.12
CA LYS C 16 -10.57 -36.63 22.54
C LYS C 16 -10.49 -35.94 21.19
N PHE C 17 -9.67 -34.89 21.14
CA PHE C 17 -9.56 -34.08 19.92
C PHE C 17 -8.95 -34.90 18.79
N GLU C 18 -7.87 -35.62 19.09
CA GLU C 18 -7.16 -36.43 18.10
C GLU C 18 -8.09 -37.45 17.45
N LYS C 19 -9.00 -37.99 18.24
CA LYS C 19 -9.96 -38.99 17.77
C LYS C 19 -11.08 -38.33 16.98
N GLU C 20 -11.68 -37.31 17.58
CA GLU C 20 -12.82 -36.61 16.98
C GLU C 20 -12.50 -36.06 15.59
N LYS C 21 -11.30 -35.52 15.42
CA LYS C 21 -10.92 -34.88 14.15
C LYS C 21 -10.97 -35.87 12.99
N MET C 22 -10.86 -37.17 13.30
CA MET C 22 -10.90 -38.16 12.24
CA MET C 22 -10.95 -38.24 12.31
C MET C 22 -12.31 -38.28 11.65
N ASN C 23 -13.29 -37.61 12.26
CA ASN C 23 -14.67 -37.64 11.78
C ASN C 23 -14.99 -36.56 10.76
N ALA C 24 -14.07 -35.61 10.56
CA ALA C 24 -14.30 -34.49 9.68
C ALA C 24 -14.53 -34.95 8.24
N LYS C 25 -15.44 -34.26 7.54
CA LYS C 25 -15.74 -34.60 6.15
C LYS C 25 -15.06 -33.64 5.18
N TRP C 26 -14.24 -34.21 4.29
CA TRP C 26 -13.57 -33.42 3.26
C TRP C 26 -14.57 -32.65 2.42
N ASP C 27 -14.47 -31.33 2.43
CA ASP C 27 -15.44 -30.50 1.73
C ASP C 27 -15.73 -31.07 0.36
N THR C 28 -17.01 -31.03 0.00
CA THR C 28 -17.53 -31.61 -1.24
C THR C 28 -16.60 -31.49 -2.45
N GLN C 29 -15.88 -30.38 -2.56
CA GLN C 29 -15.02 -30.16 -3.72
C GLN C 29 -13.60 -29.73 -3.38
N GLU C 30 -12.63 -30.27 -4.13
CA GLU C 30 -11.21 -29.96 -3.93
C GLU C 30 -10.79 -28.66 -4.59
N ASN C 31 -9.91 -27.93 -3.93
CA ASN C 31 -9.51 -26.59 -4.34
C ASN C 31 -9.15 -26.45 -5.82
N PRO C 32 -9.98 -25.71 -6.57
CA PRO C 32 -9.79 -25.50 -8.01
C PRO C 32 -8.56 -24.66 -8.33
N ILE C 33 -8.05 -23.92 -7.35
CA ILE C 33 -6.87 -23.09 -7.60
C ILE C 33 -5.60 -23.66 -6.98
N TYR C 34 -5.70 -24.88 -6.42
CA TYR C 34 -4.50 -25.55 -5.93
C TYR C 34 -3.49 -25.72 -7.06
N LYS C 35 -2.24 -25.39 -6.79
CA LYS C 35 -1.17 -25.57 -7.78
C LYS C 35 -0.15 -26.55 -7.24
N SER C 36 0.12 -27.60 -7.99
CA SER C 36 1.18 -28.52 -7.62
C SER C 36 2.49 -27.74 -7.55
N PRO C 37 3.38 -28.17 -6.66
CA PRO C 37 4.64 -27.50 -6.42
C PRO C 37 5.64 -27.69 -7.55
N ILE C 38 6.79 -27.04 -7.41
CA ILE C 38 7.89 -27.24 -8.35
C ILE C 38 9.15 -27.61 -7.57
N ASN C 39 9.10 -28.76 -6.91
CA ASN C 39 10.22 -29.22 -6.09
C ASN C 39 11.18 -30.14 -6.84
N GLY D 1 11.91 49.33 -12.08
CA GLY D 1 12.26 48.43 -10.99
C GLY D 1 12.50 47.01 -11.47
N PRO D 2 12.66 46.07 -10.53
CA PRO D 2 12.93 44.67 -10.87
C PRO D 2 11.69 44.01 -11.50
N LYS D 3 10.52 44.37 -10.99
CA LYS D 3 9.28 43.78 -11.45
C LYS D 3 8.91 44.27 -12.86
N LEU D 4 9.17 45.55 -13.11
CA LEU D 4 8.84 46.16 -14.40
C LEU D 4 9.60 45.51 -15.56
N LEU D 5 10.89 45.32 -15.38
CA LEU D 5 11.73 44.75 -16.42
C LEU D 5 11.40 43.28 -16.63
N MET D 6 11.13 42.58 -15.53
CA MET D 6 10.72 41.18 -15.58
C MET D 6 9.43 41.02 -16.39
N ILE D 7 8.45 41.86 -16.13
CA ILE D 7 7.19 41.81 -16.85
C ILE D 7 7.43 41.97 -18.35
N ILE D 8 8.16 43.01 -18.71
CA ILE D 8 8.50 43.27 -20.10
C ILE D 8 9.17 42.06 -20.73
N HIS D 9 10.19 41.53 -20.06
CA HIS D 9 10.88 40.35 -20.53
C HIS D 9 9.94 39.15 -20.73
N ASP D 10 9.12 38.86 -19.71
CA ASP D 10 8.18 37.74 -19.79
C ASP D 10 7.23 37.83 -20.97
N ARG D 11 6.73 39.03 -21.23
CA ARG D 11 5.75 39.21 -22.30
C ARG D 11 6.41 39.02 -23.66
N ARG D 12 7.63 39.52 -23.79
CA ARG D 12 8.41 39.26 -24.99
C ARG D 12 8.67 37.77 -25.17
N GLU D 13 9.07 37.10 -24.08
CA GLU D 13 9.31 35.66 -24.17
C GLU D 13 8.04 34.92 -24.61
N PHE D 14 6.89 35.30 -24.04
CA PHE D 14 5.65 34.69 -24.48
C PHE D 14 5.40 34.95 -25.97
N ALA D 15 5.57 36.20 -26.39
CA ALA D 15 5.29 36.57 -27.79
C ALA D 15 6.21 35.81 -28.76
N LYS D 16 7.48 35.65 -28.38
CA LYS D 16 8.41 34.89 -29.21
C LYS D 16 7.90 33.48 -29.44
N PHE D 17 7.45 32.85 -28.35
CA PHE D 17 6.99 31.46 -28.41
C PHE D 17 5.75 31.32 -29.29
N GLU D 18 4.79 32.23 -29.13
CA GLU D 18 3.56 32.20 -29.92
C GLU D 18 3.86 32.28 -31.41
N LYS D 19 4.91 33.00 -31.78
CA LYS D 19 5.29 33.13 -33.17
C LYS D 19 6.07 31.88 -33.63
N GLU D 20 7.05 31.48 -32.84
CA GLU D 20 7.90 30.35 -33.24
C GLU D 20 7.11 29.04 -33.40
N LYS D 21 6.12 28.82 -32.54
CA LYS D 21 5.37 27.56 -32.54
C LYS D 21 4.65 27.31 -33.87
N MET D 22 4.41 28.38 -34.63
CA MET D 22 3.74 28.26 -35.92
C MET D 22 4.68 27.63 -36.96
N ASN D 23 5.96 27.55 -36.63
CA ASN D 23 6.96 26.94 -37.50
C ASN D 23 7.01 25.42 -37.39
N ALA D 24 6.25 24.88 -36.44
CA ALA D 24 6.28 23.44 -36.18
C ALA D 24 5.82 22.63 -37.39
N LYS D 25 6.47 21.49 -37.63
CA LYS D 25 6.11 20.59 -38.71
C LYS D 25 5.31 19.40 -38.18
N TRP D 26 4.18 19.11 -38.81
CA TRP D 26 3.35 17.98 -38.39
C TRP D 26 4.01 16.64 -38.73
N ASP D 27 4.16 15.77 -37.74
CA ASP D 27 4.90 14.52 -37.88
C ASP D 27 4.05 13.39 -38.46
N THR D 28 2.85 13.73 -38.91
CA THR D 28 1.93 12.76 -39.48
C THR D 28 0.71 13.53 -39.92
N GLN D 29 0.01 13.01 -40.93
CA GLN D 29 -1.22 13.65 -41.35
C GLN D 29 -2.34 13.22 -40.41
N GLU D 30 -2.23 12.01 -39.85
CA GLU D 30 -3.16 11.55 -38.81
C GLU D 30 -2.74 10.31 -38.02
N ASN D 31 -3.09 10.31 -36.74
CA ASN D 31 -2.85 9.19 -35.85
C ASN D 31 -3.73 7.99 -36.21
N PRO D 32 -3.10 6.83 -36.44
CA PRO D 32 -3.78 5.58 -36.83
C PRO D 32 -4.84 5.15 -35.84
N ILE D 33 -4.61 5.37 -34.55
CA ILE D 33 -5.54 4.90 -33.52
C ILE D 33 -6.48 6.00 -33.00
N TYR D 34 -6.52 7.13 -33.70
CA TYR D 34 -7.46 8.18 -33.34
C TYR D 34 -8.90 7.75 -33.63
N LYS D 35 -9.76 7.92 -32.64
CA LYS D 35 -11.18 7.61 -32.79
C LYS D 35 -11.99 8.86 -32.58
N SER D 36 -12.88 9.16 -33.52
CA SER D 36 -13.80 10.27 -33.39
C SER D 36 -14.67 10.02 -32.17
N PRO D 37 -15.10 11.10 -31.51
CA PRO D 37 -15.92 10.95 -30.30
C PRO D 37 -17.11 10.01 -30.53
N ILE D 38 -17.66 10.02 -31.74
CA ILE D 38 -18.79 9.14 -32.05
C ILE D 38 -18.38 7.69 -32.26
N ASN D 39 -17.09 7.44 -32.31
CA ASN D 39 -16.58 6.08 -32.43
C ASN D 39 -15.75 5.66 -31.22
N ASN D 40 -15.88 6.40 -30.12
CA ASN D 40 -15.05 6.17 -28.94
C ASN D 40 -15.36 7.14 -27.80
C1 GOL E . 13.41 13.85 -16.19
O1 GOL E . 14.09 12.65 -15.84
C2 GOL E . 12.34 14.16 -15.15
O2 GOL E . 11.40 13.12 -15.09
C3 GOL E . 11.62 15.46 -15.50
O3 GOL E . 12.52 16.55 -15.40
C1 GOL F . 10.98 5.69 -17.61
O1 GOL F . 11.06 6.82 -18.46
C2 GOL F . 9.96 5.99 -16.53
O2 GOL F . 8.96 5.01 -16.57
C3 GOL F . 10.65 6.01 -15.16
O3 GOL F . 9.73 6.41 -14.18
C1 PEG G . -3.57 23.96 -20.01
O1 PEG G . -3.48 25.26 -19.42
C2 PEG G . -4.95 23.77 -20.64
O2 PEG G . -4.87 22.79 -21.67
C3 PEG G . -5.80 23.04 -22.72
C4 PEG G . -5.16 22.82 -24.09
O4 PEG G . -4.65 24.07 -24.61
C1 GOL H . -13.44 -12.32 16.67
O1 GOL H . -14.06 -11.13 16.23
C2 GOL H . -11.94 -12.08 16.84
O2 GOL H . -11.42 -11.49 15.69
C3 GOL H . -11.21 -13.40 17.13
O3 GOL H . -11.70 -14.00 18.32
C1 GOL I . 5.23 -34.30 20.55
O1 GOL I . 4.65 -34.87 19.39
C2 GOL I . 4.76 -35.06 21.79
O2 GOL I . 4.81 -36.45 21.56
C3 GOL I . 3.34 -34.66 22.13
O3 GOL I . 3.16 -34.61 23.52
C1 PEG J . 2.03 -26.55 15.79
O1 PEG J . 0.85 -26.55 16.60
C2 PEG J . 1.77 -25.73 14.53
O2 PEG J . 2.61 -26.21 13.47
C3 PEG J . 2.52 -25.39 12.31
C4 PEG J . 2.60 -26.26 11.06
O4 PEG J . 1.29 -26.73 10.71
C1 GOL K . -12.42 -7.15 10.46
O1 GOL K . -11.14 -6.70 10.84
C2 GOL K . -12.23 -8.27 9.45
O2 GOL K . -11.71 -7.70 8.27
C3 GOL K . -13.54 -8.93 9.11
O3 GOL K . -13.81 -8.68 7.75
C1 GOL L . -10.88 -37.52 8.41
O1 GOL L . -11.61 -36.46 8.97
C2 GOL L . -9.71 -36.96 7.59
O2 GOL L . -8.52 -37.58 8.00
C3 GOL L . -9.63 -35.46 7.80
O3 GOL L . -9.17 -35.17 9.11
#